data_5WKZ
#
_entry.id   5WKZ
#
_cell.length_a   84.233
_cell.length_b   84.233
_cell.length_c   177.544
_cell.angle_alpha   90.00
_cell.angle_beta   90.00
_cell.angle_gamma   90.00
#
_symmetry.space_group_name_H-M   'P 42 21 2'
#
loop_
_entity.id
_entity.type
_entity.pdbx_description
1 polymer 'Immunoglobulin heavy variable 1-69D,IgG H chain'
2 polymer 'Lambda-chain (AA -20 to 215)'
3 non-polymer 'SULFATE ION'
4 water water
#
loop_
_entity_poly.entity_id
_entity_poly.type
_entity_poly.pdbx_seq_one_letter_code
_entity_poly.pdbx_strand_id
1 'polypeptide(L)'
;QVQLVQSGAEVKKPGSSVKVSCKASGGTFSSYAISWVRQAPGQGLEWMGGIIPIFGTANYAQKFQGRVTITADESTSTAY
MELSSLRSEDTAVYYCARHMGYQLRETMDVWGKGTTVTVSSASTKGPSVFPLAPSSKSTSGGTAALGCLVKDYFPEPVTV
SWNSGALTSGVHTFPAVLQSSGLYSLSSVVTVPSSSLGTQTYICNVNHKPSNTKVDKRVEPKSCGSGGGLNDIFEAQKIE
WHECHHHHHH
;
H
2 'polypeptide(L)'
;QSVLTQPPSVSAAPGQKVTISCSGSSSNIGNNYVSWYQQLPGTAPKLLIYDNNKRPSGIPDRFSGSKSGTSATLGITGLQ
TGDEADYYCGTWDSSLSAYVVFGGGTKLTVLGQPKAAPSVTLFPPSSEELQANKATLVCLISDFYPGAVTVAWKADSSPV
KAGVETTTPSKQSNNKYAASSYLSLTPEQWKSHRSYSCQVTHEGSTVEKTVAPTECS
;
L
#
loop_
_chem_comp.id
_chem_comp.type
_chem_comp.name
_chem_comp.formula
SO4 non-polymer 'SULFATE ION' 'O4 S -2'
#
# COMPACT_ATOMS: atom_id res chain seq x y z
N GLN A 1 -22.04 -13.72 -7.32
CA GLN A 1 -21.96 -14.92 -8.15
C GLN A 1 -20.77 -14.85 -9.11
N VAL A 2 -20.76 -13.87 -10.02
CA VAL A 2 -19.63 -13.74 -10.93
C VAL A 2 -18.41 -13.22 -10.16
N GLN A 3 -17.23 -13.67 -10.60
CA GLN A 3 -15.95 -13.21 -10.08
C GLN A 3 -15.06 -12.78 -11.23
N LEU A 4 -14.41 -11.62 -11.08
CA LEU A 4 -13.48 -11.10 -12.09
C LEU A 4 -12.07 -11.48 -11.67
N VAL A 5 -11.43 -12.35 -12.45
CA VAL A 5 -10.11 -12.87 -12.14
C VAL A 5 -9.09 -12.18 -13.04
N GLN A 6 -8.12 -11.50 -12.45
CA GLN A 6 -7.12 -10.71 -13.18
C GLN A 6 -5.80 -11.45 -13.24
N SER A 7 -4.98 -11.08 -14.23
CA SER A 7 -3.67 -11.72 -14.36
C SER A 7 -2.72 -11.20 -13.27
N GLY A 8 -1.55 -11.84 -13.18
CA GLY A 8 -0.64 -11.60 -12.08
C GLY A 8 0.22 -10.35 -12.25
N ALA A 9 0.96 -10.04 -11.17
CA ALA A 9 1.78 -8.83 -11.12
C ALA A 9 2.79 -8.78 -12.26
N GLU A 10 3.06 -7.57 -12.72
CA GLU A 10 3.98 -7.32 -13.82
C GLU A 10 5.05 -6.32 -13.40
N VAL A 11 6.25 -6.53 -13.94
CA VAL A 11 7.39 -5.64 -13.73
C VAL A 11 7.96 -5.32 -15.10
N LYS A 12 8.15 -4.03 -15.39
CA LYS A 12 8.43 -3.56 -16.74
C LYS A 12 9.42 -2.41 -16.69
N LYS A 13 10.18 -2.26 -17.78
CA LYS A 13 11.11 -1.15 -17.92
C LYS A 13 10.44 0.00 -18.66
N PRO A 14 10.88 1.23 -18.43
CA PRO A 14 10.30 2.36 -19.17
C PRO A 14 10.41 2.15 -20.67
N GLY A 15 9.35 2.52 -21.39
CA GLY A 15 9.28 2.36 -22.83
C GLY A 15 8.62 1.08 -23.30
N SER A 16 8.45 0.09 -22.43
CA SER A 16 7.81 -1.15 -22.83
C SER A 16 6.29 -1.00 -22.72
N SER A 17 5.57 -2.10 -22.94
CA SER A 17 4.12 -2.14 -22.80
C SER A 17 3.71 -3.30 -21.91
N VAL A 18 2.53 -3.20 -21.31
CA VAL A 18 1.99 -4.26 -20.46
C VAL A 18 0.56 -4.56 -20.92
N LYS A 19 0.18 -5.82 -20.87
CA LYS A 19 -1.17 -6.24 -21.19
C LYS A 19 -1.72 -7.03 -20.00
N VAL A 20 -2.82 -6.54 -19.42
CA VAL A 20 -3.43 -7.15 -18.25
C VAL A 20 -4.77 -7.75 -18.66
N SER A 21 -5.13 -8.88 -18.07
CA SER A 21 -6.38 -9.53 -18.41
C SER A 21 -7.31 -9.63 -17.21
N CYS A 22 -8.59 -9.88 -17.52
CA CYS A 22 -9.64 -9.91 -16.52
C CYS A 22 -10.72 -10.86 -17.03
N LYS A 23 -10.82 -12.02 -16.41
CA LYS A 23 -11.74 -13.08 -16.84
C LYS A 23 -13.00 -13.07 -15.99
N ALA A 24 -14.16 -13.06 -16.64
CA ALA A 24 -15.43 -13.17 -15.94
C ALA A 24 -15.69 -14.64 -15.63
N SER A 25 -15.24 -15.08 -14.46
CA SER A 25 -15.40 -16.48 -14.06
C SER A 25 -16.76 -16.71 -13.41
N GLY A 26 -17.43 -17.79 -13.81
CA GLY A 26 -18.77 -18.02 -13.31
C GLY A 26 -19.75 -16.98 -13.76
N GLY A 27 -19.45 -16.30 -14.86
CA GLY A 27 -20.33 -15.28 -15.40
C GLY A 27 -19.95 -15.00 -16.81
N THR A 28 -20.44 -13.87 -17.32
CA THR A 28 -20.20 -13.47 -18.69
C THR A 28 -19.91 -11.98 -18.73
N PHE A 29 -19.36 -11.54 -19.86
CA PHE A 29 -19.24 -10.13 -20.17
C PHE A 29 -20.22 -9.68 -21.25
N SER A 30 -20.96 -10.63 -21.86
CA SER A 30 -21.72 -10.35 -23.08
C SER A 30 -22.69 -9.19 -22.90
N SER A 31 -23.39 -9.14 -21.78
CA SER A 31 -24.45 -8.14 -21.59
C SER A 31 -23.95 -6.85 -20.93
N TYR A 32 -22.64 -6.69 -20.70
CA TYR A 32 -22.14 -5.67 -19.77
C TYR A 32 -21.06 -4.80 -20.39
N ALA A 33 -20.94 -3.60 -19.83
CA ALA A 33 -19.78 -2.72 -19.99
C ALA A 33 -18.74 -3.06 -18.93
N ILE A 34 -17.46 -2.88 -19.30
CA ILE A 34 -16.31 -3.19 -18.47
C ILE A 34 -15.35 -2.01 -18.49
N SER A 35 -14.91 -1.57 -17.30
CA SER A 35 -13.97 -0.47 -17.18
C SER A 35 -12.65 -0.94 -16.58
N TRP A 36 -11.62 -0.14 -16.85
CA TRP A 36 -10.33 -0.29 -16.20
C TRP A 36 -10.01 0.97 -15.41
N VAL A 37 -9.66 0.80 -14.13
CA VAL A 37 -9.46 1.89 -13.19
C VAL A 37 -8.11 1.63 -12.52
N ARG A 38 -7.25 2.64 -12.45
CA ARG A 38 -5.96 2.41 -11.82
C ARG A 38 -5.78 3.29 -10.60
N GLN A 39 -4.81 2.93 -9.79
CA GLN A 39 -4.54 3.62 -8.53
C GLN A 39 -3.03 3.57 -8.28
N ALA A 40 -2.38 4.71 -8.42
CA ALA A 40 -0.95 4.80 -8.11
C ALA A 40 -0.75 4.71 -6.60
N PRO A 41 0.43 4.30 -6.14
CA PRO A 41 0.63 4.08 -4.71
C PRO A 41 0.29 5.32 -3.89
N GLY A 42 -0.56 5.14 -2.88
CA GLY A 42 -1.01 6.24 -2.05
C GLY A 42 -1.88 7.27 -2.73
N GLN A 43 -2.33 7.03 -3.97
CA GLN A 43 -3.12 8.00 -4.73
C GLN A 43 -4.56 7.51 -4.90
N GLY A 44 -5.36 8.28 -5.66
CA GLY A 44 -6.77 7.99 -5.83
C GLY A 44 -7.08 7.13 -7.06
N LEU A 45 -8.38 6.86 -7.25
CA LEU A 45 -8.85 6.07 -8.39
C LEU A 45 -8.88 6.94 -9.66
N GLU A 46 -8.40 6.37 -10.77
CA GLU A 46 -8.40 7.07 -12.05
C GLU A 46 -8.95 6.13 -13.14
N TRP A 47 -10.02 6.55 -13.80
CA TRP A 47 -10.59 5.76 -14.88
C TRP A 47 -9.71 5.87 -16.12
N MET A 48 -9.36 4.73 -16.70
CA MET A 48 -8.58 4.75 -17.93
C MET A 48 -9.43 4.66 -19.18
N GLY A 49 -10.49 3.86 -19.14
CA GLY A 49 -11.27 3.60 -20.33
C GLY A 49 -12.18 2.43 -20.06
N GLY A 50 -12.99 2.11 -21.05
CA GLY A 50 -13.93 1.01 -20.89
C GLY A 50 -14.34 0.50 -22.24
N ILE A 51 -15.00 -0.65 -22.23
CA ILE A 51 -15.44 -1.29 -23.46
C ILE A 51 -16.86 -1.81 -23.28
N ILE A 52 -17.65 -1.74 -24.34
CA ILE A 52 -19.01 -2.28 -24.33
C ILE A 52 -19.10 -3.25 -25.51
N PRO A 53 -18.69 -4.51 -25.34
CA PRO A 53 -18.61 -5.41 -26.51
C PRO A 53 -19.92 -5.56 -27.27
N ILE A 54 -21.07 -5.53 -26.58
CA ILE A 54 -22.34 -5.69 -27.28
C ILE A 54 -22.60 -4.56 -28.26
N PHE A 55 -22.02 -3.37 -28.06
CA PHE A 55 -22.23 -2.28 -29.00
C PHE A 55 -20.99 -2.00 -29.84
N GLY A 56 -19.97 -2.85 -29.73
CA GLY A 56 -18.75 -2.69 -30.50
C GLY A 56 -18.07 -1.37 -30.22
N THR A 57 -18.13 -0.91 -28.96
CA THR A 57 -17.68 0.43 -28.60
C THR A 57 -16.62 0.38 -27.51
N ALA A 58 -15.65 1.29 -27.59
CA ALA A 58 -14.68 1.51 -26.54
C ALA A 58 -14.51 3.01 -26.32
N ASN A 59 -14.28 3.38 -25.06
CA ASN A 59 -14.16 4.78 -24.68
C ASN A 59 -12.93 4.93 -23.79
N TYR A 60 -12.25 6.07 -23.90
CA TYR A 60 -10.96 6.28 -23.25
C TYR A 60 -10.87 7.67 -22.69
N ALA A 61 -10.17 7.82 -21.56
CA ALA A 61 -9.90 9.15 -21.02
C ALA A 61 -8.80 9.83 -21.85
N GLN A 62 -8.94 11.15 -22.07
CA GLN A 62 -8.01 11.84 -22.96
C GLN A 62 -6.57 11.73 -22.46
N LYS A 63 -6.37 11.62 -21.15
CA LYS A 63 -5.03 11.46 -20.59
C LYS A 63 -4.32 10.23 -21.16
N PHE A 64 -5.06 9.17 -21.50
CA PHE A 64 -4.43 7.92 -21.93
C PHE A 64 -4.61 7.62 -23.40
N GLN A 65 -5.19 8.51 -24.17
CA GLN A 65 -5.47 8.16 -25.55
C GLN A 65 -4.18 8.10 -26.35
N GLY A 66 -4.13 7.16 -27.29
CA GLY A 66 -2.90 6.82 -27.97
C GLY A 66 -2.02 5.86 -27.21
N ARG A 67 -2.21 5.74 -25.90
CA ARG A 67 -1.38 4.89 -25.06
C ARG A 67 -2.10 3.67 -24.51
N VAL A 68 -3.41 3.73 -24.29
CA VAL A 68 -4.17 2.60 -23.73
C VAL A 68 -5.07 2.02 -24.81
N THR A 69 -5.17 0.69 -24.81
CA THR A 69 -6.03 -0.07 -25.70
C THR A 69 -6.80 -1.06 -24.85
N ILE A 70 -8.13 -1.10 -24.98
CA ILE A 70 -8.95 -2.03 -24.23
C ILE A 70 -9.70 -2.91 -25.22
N THR A 71 -9.69 -4.21 -24.98
CA THR A 71 -10.27 -5.18 -25.91
C THR A 71 -10.99 -6.28 -25.13
N ALA A 72 -11.80 -7.06 -25.84
CA ALA A 72 -12.51 -8.17 -25.20
C ALA A 72 -12.49 -9.39 -26.12
N ASP A 73 -12.37 -10.58 -25.52
CA ASP A 73 -12.50 -11.86 -26.20
C ASP A 73 -13.76 -12.53 -25.62
N GLU A 74 -14.85 -12.54 -26.40
CA GLU A 74 -16.10 -13.06 -25.87
C GLU A 74 -16.14 -14.59 -25.87
N SER A 75 -15.28 -15.26 -26.65
CA SER A 75 -15.19 -16.70 -26.58
C SER A 75 -14.66 -17.18 -25.22
N THR A 76 -13.89 -16.34 -24.52
CA THR A 76 -13.35 -16.68 -23.21
C THR A 76 -13.84 -15.74 -22.12
N SER A 77 -14.76 -14.83 -22.42
CA SER A 77 -15.26 -13.85 -21.45
C SER A 77 -14.10 -13.15 -20.73
N THR A 78 -13.17 -12.62 -21.51
CA THR A 78 -11.96 -12.00 -20.98
C THR A 78 -11.78 -10.60 -21.57
N ALA A 79 -11.59 -9.61 -20.71
CA ALA A 79 -11.27 -8.24 -21.11
C ALA A 79 -9.78 -7.99 -20.91
N TYR A 80 -9.22 -7.09 -21.72
CA TYR A 80 -7.79 -6.79 -21.68
C TYR A 80 -7.56 -5.30 -21.68
N MET A 81 -6.49 -4.90 -21.00
CA MET A 81 -6.01 -3.53 -20.99
C MET A 81 -4.54 -3.56 -21.37
N GLU A 82 -4.18 -2.89 -22.46
CA GLU A 82 -2.78 -2.74 -22.87
C GLU A 82 -2.38 -1.29 -22.74
N LEU A 83 -1.30 -1.03 -21.99
CA LEU A 83 -0.77 0.31 -21.83
C LEU A 83 0.64 0.30 -22.39
N SER A 84 0.91 1.19 -23.34
CA SER A 84 2.20 1.23 -24.01
C SER A 84 3.00 2.45 -23.57
N SER A 85 4.25 2.52 -24.02
CA SER A 85 5.17 3.61 -23.69
C SER A 85 5.19 3.90 -22.19
N LEU A 86 5.42 2.85 -21.42
CA LEU A 86 5.31 2.95 -19.96
C LEU A 86 6.34 3.91 -19.38
N ARG A 87 5.92 4.62 -18.34
CA ARG A 87 6.76 5.46 -17.49
C ARG A 87 6.72 4.92 -16.08
N SER A 88 7.68 5.36 -15.27
CA SER A 88 7.65 4.99 -13.86
C SER A 88 6.36 5.46 -13.20
N GLU A 89 5.80 6.58 -13.68
CA GLU A 89 4.53 7.13 -13.20
C GLU A 89 3.34 6.21 -13.47
N ASP A 90 3.49 5.20 -14.31
CA ASP A 90 2.46 4.21 -14.57
C ASP A 90 2.46 3.07 -13.56
N THR A 91 3.42 3.06 -12.64
CA THR A 91 3.37 2.15 -11.51
C THR A 91 2.08 2.34 -10.73
N ALA A 92 1.28 1.28 -10.61
CA ALA A 92 -0.07 1.37 -10.04
C ALA A 92 -0.64 -0.03 -9.94
N VAL A 93 -1.73 -0.13 -9.18
CA VAL A 93 -2.60 -1.29 -9.23
C VAL A 93 -3.71 -1.00 -10.25
N TYR A 94 -3.96 -1.95 -11.14
CA TYR A 94 -4.94 -1.80 -12.21
C TYR A 94 -6.11 -2.73 -11.92
N TYR A 95 -7.31 -2.14 -11.76
CA TYR A 95 -8.54 -2.88 -11.46
C TYR A 95 -9.43 -2.98 -12.69
N CYS A 96 -10.00 -4.18 -12.89
CA CYS A 96 -11.10 -4.42 -13.80
C CYS A 96 -12.41 -4.28 -13.02
N ALA A 97 -13.43 -3.62 -13.62
CA ALA A 97 -14.72 -3.46 -12.97
C ALA A 97 -15.86 -3.63 -13.98
N ARG A 98 -16.89 -4.36 -13.60
CA ARG A 98 -18.06 -4.55 -14.45
C ARG A 98 -19.18 -3.61 -14.02
N HIS A 99 -19.83 -3.01 -15.01
CA HIS A 99 -20.93 -2.08 -14.77
C HIS A 99 -22.24 -2.85 -14.61
N MET A 100 -23.22 -2.21 -13.98
CA MET A 100 -24.54 -2.80 -13.76
C MET A 100 -25.40 -2.63 -15.01
N GLY A 101 -24.94 -3.25 -16.10
CA GLY A 101 -25.59 -3.11 -17.37
C GLY A 101 -24.56 -2.82 -18.45
N TYR A 102 -25.05 -2.41 -19.62
CA TYR A 102 -24.20 -2.20 -20.78
C TYR A 102 -23.90 -0.72 -21.01
N GLN A 103 -24.05 0.10 -19.97
CA GLN A 103 -23.75 1.52 -20.04
C GLN A 103 -22.62 1.86 -19.07
N LEU A 104 -21.57 2.55 -19.58
CA LEU A 104 -20.50 3.00 -18.69
C LEU A 104 -21.01 4.02 -17.70
N ARG A 105 -22.16 4.66 -17.97
CA ARG A 105 -22.70 5.59 -16.98
C ARG A 105 -23.35 4.87 -15.81
N GLU A 106 -23.60 3.57 -15.91
CA GLU A 106 -24.16 2.84 -14.78
C GLU A 106 -23.06 2.55 -13.75
N THR A 107 -23.50 2.23 -12.53
CA THR A 107 -22.58 2.03 -11.43
C THR A 107 -21.71 0.79 -11.67
N MET A 108 -20.55 0.76 -11.02
CA MET A 108 -19.63 -0.37 -11.13
C MET A 108 -19.84 -1.27 -9.94
N ASP A 109 -20.57 -2.38 -10.12
CA ASP A 109 -20.92 -3.18 -8.95
C ASP A 109 -20.04 -4.39 -8.73
N VAL A 110 -19.24 -4.81 -9.70
CA VAL A 110 -18.33 -5.94 -9.53
C VAL A 110 -16.90 -5.48 -9.82
N TRP A 111 -15.97 -5.79 -8.93
CA TRP A 111 -14.58 -5.37 -9.09
C TRP A 111 -13.65 -6.57 -8.99
N GLY A 112 -12.59 -6.56 -9.83
CA GLY A 112 -11.52 -7.52 -9.68
C GLY A 112 -10.60 -7.15 -8.51
N LYS A 113 -9.64 -8.03 -8.23
CA LYS A 113 -8.77 -7.80 -7.09
C LYS A 113 -7.57 -6.92 -7.42
N GLY A 114 -7.40 -6.56 -8.68
CA GLY A 114 -6.31 -5.67 -9.01
C GLY A 114 -5.07 -6.42 -9.49
N THR A 115 -4.34 -5.80 -10.41
CA THR A 115 -3.07 -6.31 -10.91
C THR A 115 -2.02 -5.24 -10.65
N THR A 116 -0.98 -5.59 -9.91
CA THR A 116 0.11 -4.65 -9.65
C THR A 116 1.02 -4.59 -10.87
N VAL A 117 1.36 -3.37 -11.29
CA VAL A 117 2.28 -3.13 -12.40
C VAL A 117 3.36 -2.18 -11.89
N THR A 118 4.61 -2.62 -11.94
CA THR A 118 5.74 -1.82 -11.49
C THR A 118 6.59 -1.47 -12.71
N VAL A 119 6.84 -0.18 -12.91
CA VAL A 119 7.67 0.29 -14.01
C VAL A 119 8.91 0.90 -13.41
N SER A 120 10.07 0.34 -13.75
CA SER A 120 11.33 0.80 -13.16
C SER A 120 12.47 0.49 -14.11
N SER A 121 13.48 1.35 -14.11
CA SER A 121 14.68 1.07 -14.89
C SER A 121 15.57 0.01 -14.25
N ALA A 122 15.25 -0.42 -13.03
CA ALA A 122 16.09 -1.36 -12.30
C ALA A 122 16.00 -2.77 -12.90
N SER A 123 17.08 -3.54 -12.73
CA SER A 123 17.11 -4.93 -13.16
C SER A 123 16.94 -5.85 -11.96
N THR A 124 16.40 -7.04 -12.22
CA THR A 124 16.23 -8.05 -11.18
C THR A 124 17.54 -8.31 -10.44
N LYS A 125 17.48 -8.36 -9.11
CA LYS A 125 18.66 -8.55 -8.28
C LYS A 125 18.24 -9.12 -6.93
N GLY A 126 18.87 -10.22 -6.52
CA GLY A 126 18.65 -10.80 -5.22
C GLY A 126 19.26 -9.96 -4.12
N PRO A 127 18.80 -10.15 -2.88
CA PRO A 127 19.28 -9.32 -1.78
C PRO A 127 20.60 -9.77 -1.19
N SER A 128 21.29 -8.83 -0.57
CA SER A 128 22.25 -9.17 0.48
C SER A 128 21.52 -9.28 1.81
N VAL A 129 21.90 -10.26 2.62
CA VAL A 129 21.28 -10.46 3.93
C VAL A 129 22.32 -10.19 5.00
N PHE A 130 22.05 -9.23 5.88
CA PHE A 130 22.99 -8.95 6.95
C PHE A 130 22.33 -9.25 8.28
N PRO A 131 23.07 -9.81 9.24
CA PRO A 131 22.47 -10.12 10.55
C PRO A 131 22.37 -8.85 11.39
N LEU A 132 21.26 -8.75 12.13
CA LEU A 132 21.03 -7.67 13.10
C LEU A 132 21.14 -8.31 14.47
N ALA A 133 22.36 -8.30 15.02
CA ALA A 133 22.68 -9.16 16.16
C ALA A 133 22.05 -8.62 17.44
N PRO A 134 21.62 -9.50 18.35
CA PRO A 134 21.11 -9.04 19.65
C PRO A 134 22.24 -8.49 20.50
N SER A 135 21.89 -7.51 21.35
CA SER A 135 22.88 -6.83 22.18
C SER A 135 22.18 -6.28 23.42
N SER A 136 22.97 -5.67 24.31
CA SER A 136 22.40 -4.96 25.45
C SER A 136 21.45 -3.86 24.98
N LYS A 137 21.82 -3.14 23.93
CA LYS A 137 21.02 -2.01 23.43
C LYS A 137 19.73 -2.45 22.76
N SER A 138 19.57 -3.74 22.46
CA SER A 138 18.31 -4.26 21.93
C SER A 138 17.63 -5.21 22.90
N THR A 139 18.07 -5.25 24.15
CA THR A 139 17.50 -6.12 25.18
C THR A 139 16.92 -5.26 26.29
N SER A 140 15.69 -5.56 26.70
CA SER A 140 15.08 -4.90 27.85
C SER A 140 14.03 -5.84 28.41
N GLY A 141 13.87 -5.82 29.73
CA GLY A 141 12.85 -6.63 30.38
C GLY A 141 13.01 -8.12 30.18
N GLY A 142 14.23 -8.59 29.95
CA GLY A 142 14.50 -10.00 29.79
C GLY A 142 14.28 -10.56 28.39
N THR A 143 13.93 -9.73 27.41
CA THR A 143 13.78 -10.19 26.04
C THR A 143 14.70 -9.38 25.13
N ALA A 144 15.19 -10.04 24.07
CA ALA A 144 16.17 -9.46 23.17
C ALA A 144 15.62 -9.46 21.74
N ALA A 145 15.87 -8.37 21.02
CA ALA A 145 15.50 -8.25 19.62
C ALA A 145 16.71 -8.62 18.76
N LEU A 146 16.48 -9.43 17.73
CA LEU A 146 17.49 -9.74 16.75
C LEU A 146 16.80 -9.86 15.40
N GLY A 147 17.56 -9.70 14.32
CA GLY A 147 16.90 -9.55 13.05
C GLY A 147 17.75 -9.84 11.85
N CYS A 148 17.17 -9.61 10.67
CA CYS A 148 17.85 -9.76 9.40
C CYS A 148 17.53 -8.53 8.55
N LEU A 149 18.58 -7.89 8.05
CA LEU A 149 18.46 -6.80 7.10
C LEU A 149 18.55 -7.40 5.70
N VAL A 150 17.48 -7.24 4.92
CA VAL A 150 17.37 -7.80 3.58
C VAL A 150 17.53 -6.64 2.60
N LYS A 151 18.73 -6.47 2.04
CA LYS A 151 19.10 -5.20 1.43
C LYS A 151 19.30 -5.29 -0.08
N ASP A 152 18.86 -4.24 -0.78
CA ASP A 152 19.19 -3.99 -2.19
C ASP A 152 18.68 -5.08 -3.13
N TYR A 153 17.39 -5.39 -3.09
CA TYR A 153 16.81 -6.34 -4.02
C TYR A 153 15.82 -5.63 -4.95
N PHE A 154 15.52 -6.30 -6.05
CA PHE A 154 14.52 -5.81 -6.99
C PHE A 154 14.02 -6.98 -7.84
N PRO A 155 12.70 -7.12 -8.06
CA PRO A 155 11.65 -6.26 -7.50
C PRO A 155 11.04 -6.86 -6.26
N GLU A 156 9.95 -6.26 -5.75
CA GLU A 156 9.16 -6.93 -4.75
C GLU A 156 8.54 -8.18 -5.36
N PRO A 157 8.19 -9.20 -4.54
CA PRO A 157 8.30 -9.22 -3.09
C PRO A 157 9.39 -10.13 -2.54
N VAL A 158 9.62 -10.00 -1.23
CA VAL A 158 10.48 -10.88 -0.47
C VAL A 158 9.65 -11.46 0.69
N THR A 159 9.82 -12.73 0.99
CA THR A 159 9.25 -13.31 2.20
C THR A 159 10.36 -13.71 3.16
N VAL A 160 10.06 -13.62 4.45
CA VAL A 160 11.00 -13.96 5.51
C VAL A 160 10.30 -14.86 6.51
N SER A 161 10.98 -15.94 6.90
CA SER A 161 10.54 -16.80 7.99
C SER A 161 11.73 -16.99 8.92
N TRP A 162 11.45 -17.57 10.09
CA TRP A 162 12.47 -17.85 11.09
C TRP A 162 12.44 -19.33 11.44
N ASN A 163 13.63 -19.94 11.51
CA ASN A 163 13.78 -21.36 11.79
C ASN A 163 12.83 -22.21 10.94
N SER A 164 12.73 -21.84 9.65
CA SER A 164 11.97 -22.59 8.65
C SER A 164 10.48 -22.66 8.97
N GLY A 165 9.96 -21.65 9.67
CA GLY A 165 8.56 -21.61 10.04
C GLY A 165 8.26 -22.04 11.45
N ALA A 166 9.21 -22.69 12.14
CA ALA A 166 8.96 -23.15 13.50
C ALA A 166 8.79 -21.98 14.47
N LEU A 167 9.42 -20.85 14.19
CA LEU A 167 9.39 -19.68 15.08
C LEU A 167 8.49 -18.61 14.46
N THR A 168 7.36 -18.34 15.09
CA THR A 168 6.41 -17.39 14.53
C THR A 168 6.03 -16.26 15.49
N SER A 169 5.84 -16.55 16.77
CA SER A 169 5.47 -15.50 17.69
C SER A 169 6.70 -14.66 18.03
N GLY A 170 6.47 -13.36 18.20
CA GLY A 170 7.56 -12.43 18.34
C GLY A 170 8.23 -12.03 17.05
N VAL A 171 7.84 -12.61 15.92
CA VAL A 171 8.41 -12.30 14.62
C VAL A 171 7.67 -11.11 14.03
N HIS A 172 8.42 -10.15 13.50
CA HIS A 172 7.85 -8.94 12.91
C HIS A 172 8.62 -8.61 11.64
N THR A 173 8.00 -8.82 10.47
CA THR A 173 8.64 -8.49 9.20
C THR A 173 8.08 -7.18 8.68
N PHE A 174 8.97 -6.19 8.49
CA PHE A 174 8.52 -4.85 8.16
C PHE A 174 8.39 -4.65 6.65
N PRO A 175 7.43 -3.83 6.25
CA PRO A 175 7.33 -3.44 4.85
C PRO A 175 8.61 -2.77 4.36
N ALA A 176 8.86 -2.91 3.06
CA ALA A 176 10.12 -2.49 2.49
C ALA A 176 10.14 -0.98 2.24
N VAL A 177 11.35 -0.48 2.15
CA VAL A 177 11.61 0.88 1.70
C VAL A 177 12.19 0.81 0.29
N LEU A 178 11.98 1.87 -0.49
CA LEU A 178 12.56 1.98 -1.83
C LEU A 178 13.61 3.07 -1.82
N GLN A 179 14.84 2.71 -2.16
CA GLN A 179 15.93 3.67 -2.18
C GLN A 179 15.99 4.38 -3.52
N SER A 180 16.72 5.50 -3.53
CA SER A 180 16.92 6.28 -4.75
C SER A 180 17.60 5.48 -5.84
N SER A 181 18.36 4.45 -5.46
CA SER A 181 19.00 3.57 -6.43
C SER A 181 17.99 2.75 -7.24
N GLY A 182 16.75 2.69 -6.78
CA GLY A 182 15.77 1.82 -7.39
C GLY A 182 15.64 0.45 -6.75
N LEU A 183 16.38 0.17 -5.69
CA LEU A 183 16.33 -1.13 -5.04
C LEU A 183 15.63 -1.02 -3.70
N TYR A 184 15.01 -2.12 -3.28
CA TYR A 184 14.31 -2.20 -2.01
C TYR A 184 15.18 -2.75 -0.92
N SER A 185 14.84 -2.38 0.32
CA SER A 185 15.35 -3.04 1.51
C SER A 185 14.21 -3.21 2.49
N LEU A 186 14.25 -4.30 3.25
CA LEU A 186 13.35 -4.47 4.40
C LEU A 186 14.12 -5.14 5.54
N SER A 187 13.46 -5.26 6.68
CA SER A 187 14.02 -5.91 7.85
C SER A 187 12.96 -6.79 8.49
N SER A 188 13.43 -7.83 9.18
CA SER A 188 12.58 -8.73 9.92
C SER A 188 13.21 -8.98 11.28
N VAL A 189 12.44 -8.74 12.34
CA VAL A 189 12.92 -8.88 13.71
C VAL A 189 12.13 -9.97 14.41
N VAL A 190 12.78 -10.56 15.41
CA VAL A 190 12.11 -11.49 16.32
C VAL A 190 12.61 -11.17 17.73
N THR A 191 11.68 -11.06 18.67
CA THR A 191 12.03 -10.82 20.07
C THR A 191 11.93 -12.15 20.80
N VAL A 192 12.98 -12.47 21.56
CA VAL A 192 13.12 -13.79 22.18
C VAL A 192 13.54 -13.59 23.63
N PRO A 193 13.37 -14.61 24.47
CA PRO A 193 13.93 -14.53 25.82
C PRO A 193 15.44 -14.33 25.78
N SER A 194 15.90 -13.29 26.49
CA SER A 194 17.33 -12.99 26.54
C SER A 194 18.12 -14.19 27.04
N SER A 195 17.57 -14.94 28.00
CA SER A 195 18.28 -16.07 28.56
C SER A 195 18.48 -17.20 27.55
N SER A 196 17.70 -17.22 26.47
CA SER A 196 17.81 -18.29 25.47
C SER A 196 18.97 -18.09 24.51
N LEU A 197 19.67 -16.95 24.57
CA LEU A 197 20.53 -16.52 23.47
C LEU A 197 21.74 -17.44 23.28
N GLY A 198 22.24 -18.05 24.34
CA GLY A 198 23.38 -18.93 24.18
C GLY A 198 23.07 -20.35 23.75
N THR A 199 21.80 -20.74 23.75
CA THR A 199 21.44 -22.14 23.57
C THR A 199 20.50 -22.40 22.40
N GLN A 200 19.72 -21.43 21.95
CA GLN A 200 18.83 -21.65 20.82
C GLN A 200 19.40 -20.99 19.56
N THR A 201 19.17 -21.64 18.42
CA THR A 201 19.67 -21.19 17.13
C THR A 201 18.58 -20.38 16.43
N TYR A 202 18.94 -19.20 15.93
CA TYR A 202 18.01 -18.34 15.22
C TYR A 202 18.52 -18.13 13.80
N ILE A 203 17.73 -18.57 12.83
CA ILE A 203 18.07 -18.50 11.41
C ILE A 203 16.90 -17.87 10.68
N CYS A 204 17.16 -16.78 9.95
CA CYS A 204 16.15 -16.20 9.10
C CYS A 204 16.25 -16.80 7.70
N ASN A 205 15.10 -17.11 7.11
CA ASN A 205 15.01 -17.70 5.78
C ASN A 205 14.38 -16.66 4.86
N VAL A 206 15.20 -16.10 3.97
CA VAL A 206 14.79 -15.06 3.05
C VAL A 206 14.56 -15.70 1.69
N ASN A 207 13.38 -15.48 1.12
CA ASN A 207 13.06 -16.00 -0.21
C ASN A 207 12.70 -14.83 -1.12
N HIS A 208 13.46 -14.67 -2.21
CA HIS A 208 13.20 -13.66 -3.23
C HIS A 208 12.89 -14.36 -4.55
N LYS A 209 11.62 -14.72 -4.74
CA LYS A 209 11.22 -15.49 -5.93
C LYS A 209 11.47 -14.79 -7.26
N PRO A 210 11.35 -13.46 -7.41
CA PRO A 210 11.64 -12.87 -8.72
C PRO A 210 13.06 -13.11 -9.21
N SER A 211 14.03 -13.27 -8.31
CA SER A 211 15.40 -13.58 -8.72
C SER A 211 15.78 -15.03 -8.42
N ASN A 212 14.83 -15.85 -7.97
CA ASN A 212 15.08 -17.25 -7.64
C ASN A 212 16.26 -17.38 -6.68
N THR A 213 16.24 -16.56 -5.63
CA THR A 213 17.28 -16.54 -4.61
C THR A 213 16.66 -16.88 -3.27
N LYS A 214 17.25 -17.83 -2.55
CA LYS A 214 16.93 -18.10 -1.16
C LYS A 214 18.20 -18.01 -0.33
N VAL A 215 18.10 -17.36 0.84
CA VAL A 215 19.21 -17.20 1.76
C VAL A 215 18.75 -17.69 3.12
N ASP A 216 19.62 -18.46 3.79
CA ASP A 216 19.44 -18.79 5.20
C ASP A 216 20.61 -18.18 5.96
N LYS A 217 20.31 -17.43 7.01
CA LYS A 217 21.36 -16.70 7.72
C LYS A 217 21.13 -16.85 9.22
N ARG A 218 22.08 -17.45 9.91
CA ARG A 218 22.03 -17.50 11.37
C ARG A 218 22.37 -16.13 11.94
N VAL A 219 21.62 -15.71 12.96
CA VAL A 219 21.85 -14.45 13.65
C VAL A 219 22.26 -14.79 15.08
N GLU A 220 23.44 -14.31 15.49
CA GLU A 220 24.09 -14.65 16.74
C GLU A 220 24.52 -13.39 17.46
N PRO A 221 24.65 -13.43 18.79
CA PRO A 221 25.34 -12.33 19.50
C PRO A 221 26.84 -12.27 19.14
N VAL B 3 -12.02 15.18 -10.85
CA VAL B 3 -12.58 16.52 -11.02
C VAL B 3 -13.87 16.62 -10.16
N LEU B 4 -14.14 15.59 -9.35
CA LEU B 4 -15.02 15.73 -8.20
C LEU B 4 -14.17 16.06 -6.97
N THR B 5 -14.70 16.88 -6.06
CA THR B 5 -13.98 17.35 -4.88
C THR B 5 -14.59 16.74 -3.62
N GLN B 6 -13.77 16.01 -2.84
CA GLN B 6 -14.05 15.48 -1.50
C GLN B 6 -13.01 16.01 -0.52
N PRO B 7 -13.36 16.11 0.77
CA PRO B 7 -12.32 16.35 1.79
C PRO B 7 -11.30 15.23 1.76
N PRO B 8 -10.00 15.54 1.84
CA PRO B 8 -9.01 14.46 1.79
C PRO B 8 -9.03 13.55 3.01
N SER B 9 -9.43 14.04 4.18
CA SER B 9 -9.37 13.19 5.37
C SER B 9 -10.39 13.65 6.40
N VAL B 10 -10.89 12.66 7.14
CA VAL B 10 -11.87 12.84 8.21
C VAL B 10 -11.49 11.86 9.30
N SER B 11 -11.54 12.30 10.56
CA SER B 11 -11.31 11.42 11.70
C SER B 11 -12.56 11.42 12.58
N ALA B 12 -12.91 10.25 13.09
CA ALA B 12 -14.10 10.13 13.93
C ALA B 12 -13.93 8.95 14.89
N ALA B 13 -14.83 8.86 15.86
CA ALA B 13 -14.76 7.83 16.90
C ALA B 13 -15.88 6.81 16.73
N PRO B 14 -15.70 5.59 17.26
CA PRO B 14 -16.81 4.61 17.19
C PRO B 14 -18.10 5.17 17.80
N GLY B 15 -19.21 4.85 17.15
CA GLY B 15 -20.52 5.31 17.57
C GLY B 15 -20.91 6.68 17.09
N GLN B 16 -19.99 7.44 16.48
CA GLN B 16 -20.35 8.74 15.94
C GLN B 16 -21.04 8.58 14.60
N LYS B 17 -21.58 9.70 14.12
CA LYS B 17 -22.12 9.85 12.78
C LYS B 17 -21.12 10.66 11.97
N VAL B 18 -20.84 10.25 10.74
CA VAL B 18 -20.00 11.06 9.85
CA VAL B 18 -20.00 11.04 9.84
C VAL B 18 -20.70 11.23 8.51
N THR B 19 -20.43 12.36 7.88
CA THR B 19 -20.86 12.60 6.51
C THR B 19 -19.63 12.98 5.70
N ILE B 20 -19.59 12.53 4.46
CA ILE B 20 -18.53 12.86 3.51
C ILE B 20 -19.19 13.49 2.28
N SER B 21 -18.75 14.69 1.91
CA SER B 21 -19.35 15.43 0.82
C SER B 21 -18.54 15.27 -0.46
N CYS B 22 -19.24 15.40 -1.59
CA CYS B 22 -18.66 15.28 -2.92
C CYS B 22 -19.27 16.39 -3.77
N SER B 23 -18.43 17.27 -4.31
CA SER B 23 -18.87 18.43 -5.06
C SER B 23 -18.41 18.29 -6.51
N GLY B 24 -19.35 18.49 -7.46
CA GLY B 24 -19.07 18.41 -8.86
C GLY B 24 -19.66 19.58 -9.61
N SER B 25 -20.05 19.31 -10.87
CA SER B 25 -20.55 20.32 -11.78
C SER B 25 -21.81 19.82 -12.45
N SER B 26 -22.43 20.68 -13.27
CA SER B 26 -23.69 20.32 -13.90
C SER B 26 -23.53 19.17 -14.89
N SER B 27 -22.36 19.02 -15.50
CA SER B 27 -22.19 17.97 -16.48
C SER B 27 -21.89 16.60 -15.86
N ASN B 28 -21.49 16.51 -14.58
CA ASN B 28 -21.33 15.21 -13.96
C ASN B 28 -22.41 15.04 -12.90
N ILE B 29 -22.19 15.47 -11.65
CA ILE B 29 -23.17 15.18 -10.59
C ILE B 29 -24.52 15.82 -10.89
N GLY B 30 -24.52 17.05 -11.39
CA GLY B 30 -25.77 17.75 -11.62
C GLY B 30 -26.70 16.99 -12.56
N ASN B 31 -26.11 16.15 -13.40
CA ASN B 31 -26.82 15.47 -14.46
C ASN B 31 -26.83 13.95 -14.36
N ASN B 32 -26.16 13.36 -13.37
CA ASN B 32 -25.95 11.92 -13.38
C ASN B 32 -26.10 11.37 -11.97
N TYR B 33 -26.26 10.05 -11.88
CA TYR B 33 -26.38 9.35 -10.61
C TYR B 33 -25.01 9.18 -9.96
N VAL B 34 -24.98 9.33 -8.63
CA VAL B 34 -23.74 9.24 -7.86
C VAL B 34 -23.64 7.87 -7.22
N SER B 35 -22.43 7.31 -7.23
CA SER B 35 -22.09 6.09 -6.51
C SER B 35 -20.99 6.37 -5.49
N TRP B 36 -20.91 5.53 -4.46
CA TRP B 36 -19.88 5.63 -3.44
C TRP B 36 -19.21 4.28 -3.30
N TYR B 37 -17.87 4.30 -3.26
CA TYR B 37 -17.04 3.11 -3.21
C TYR B 37 -16.23 3.12 -1.93
N GLN B 38 -16.20 1.99 -1.23
CA GLN B 38 -15.38 1.83 -0.03
C GLN B 38 -14.16 1.02 -0.39
N GLN B 39 -12.98 1.50 0.02
CA GLN B 39 -11.75 0.76 -0.20
C GLN B 39 -11.06 0.56 1.15
N LEU B 40 -11.27 -0.62 1.73
CA LEU B 40 -10.55 -1.00 2.93
C LEU B 40 -9.07 -1.15 2.59
N PRO B 41 -8.19 -0.87 3.55
CA PRO B 41 -6.75 -0.94 3.27
C PRO B 41 -6.36 -2.28 2.67
N GLY B 42 -5.53 -2.23 1.62
CA GLY B 42 -5.08 -3.43 0.93
C GLY B 42 -6.12 -4.18 0.12
N THR B 43 -7.28 -3.60 -0.16
CA THR B 43 -8.30 -4.30 -0.90
C THR B 43 -8.76 -3.47 -2.10
N ALA B 44 -9.58 -4.09 -2.93
CA ALA B 44 -10.17 -3.40 -4.06
C ALA B 44 -11.36 -2.57 -3.60
N PRO B 45 -11.72 -1.52 -4.35
CA PRO B 45 -12.96 -0.81 -4.06
C PRO B 45 -14.14 -1.76 -4.10
N LYS B 46 -15.16 -1.40 -3.31
CA LYS B 46 -16.42 -2.11 -3.23
C LYS B 46 -17.54 -1.09 -3.29
N LEU B 47 -18.58 -1.39 -4.08
CA LEU B 47 -19.73 -0.49 -4.21
C LEU B 47 -20.52 -0.43 -2.90
N LEU B 48 -20.72 0.78 -2.38
CA LEU B 48 -21.48 0.99 -1.15
C LEU B 48 -22.87 1.55 -1.43
N ILE B 49 -22.95 2.55 -2.31
CA ILE B 49 -24.18 3.27 -2.64
C ILE B 49 -24.18 3.48 -4.15
N TYR B 50 -25.34 3.31 -4.78
CA TYR B 50 -25.49 3.63 -6.19
C TYR B 50 -26.84 4.31 -6.38
N ASP B 51 -27.03 4.93 -7.55
CA ASP B 51 -28.27 5.67 -7.84
C ASP B 51 -28.59 6.68 -6.73
N ASN B 52 -27.55 7.37 -6.28
CA ASN B 52 -27.62 8.40 -5.24
C ASN B 52 -27.83 7.84 -3.84
N ASN B 53 -28.77 6.90 -3.66
CA ASN B 53 -29.14 6.50 -2.30
C ASN B 53 -29.47 5.02 -2.16
N LYS B 54 -29.18 4.18 -3.14
CA LYS B 54 -29.52 2.76 -3.06
C LYS B 54 -28.35 1.94 -2.53
N ARG B 55 -28.65 0.92 -1.74
CA ARG B 55 -27.64 0.04 -1.19
C ARG B 55 -27.66 -1.30 -1.91
N PRO B 56 -26.51 -1.80 -2.35
CA PRO B 56 -26.41 -3.20 -2.78
C PRO B 56 -26.81 -4.14 -1.65
N SER B 57 -27.19 -5.34 -2.04
CA SER B 57 -27.41 -6.42 -1.07
C SER B 57 -26.15 -6.60 -0.23
N GLY B 58 -26.32 -6.61 1.09
CA GLY B 58 -25.20 -6.87 1.98
C GLY B 58 -24.50 -5.64 2.53
N ILE B 59 -24.91 -4.44 2.14
CA ILE B 59 -24.40 -3.21 2.72
C ILE B 59 -25.34 -2.80 3.86
N PRO B 60 -24.85 -2.67 5.09
CA PRO B 60 -25.74 -2.32 6.21
C PRO B 60 -26.42 -0.97 5.99
N ASP B 61 -27.59 -0.81 6.61
CA ASP B 61 -28.33 0.43 6.45
C ASP B 61 -27.72 1.58 7.26
N ARG B 62 -26.64 1.34 8.01
CA ARG B 62 -25.85 2.44 8.56
C ARG B 62 -25.30 3.37 7.49
N PHE B 63 -25.17 2.89 6.25
CA PHE B 63 -24.67 3.68 5.13
C PHE B 63 -25.86 4.23 4.35
N SER B 64 -25.81 5.51 4.04
CA SER B 64 -26.86 6.16 3.26
C SER B 64 -26.24 7.20 2.34
N GLY B 65 -26.97 7.59 1.30
CA GLY B 65 -26.51 8.62 0.42
C GLY B 65 -27.64 9.57 0.06
N SER B 66 -27.24 10.78 -0.35
CA SER B 66 -28.20 11.74 -0.86
C SER B 66 -27.50 12.58 -1.92
N LYS B 67 -28.30 13.20 -2.77
CA LYS B 67 -27.79 14.09 -3.80
C LYS B 67 -28.73 15.28 -3.93
N SER B 68 -28.17 16.47 -4.15
CA SER B 68 -28.99 17.63 -4.50
C SER B 68 -28.10 18.63 -5.23
N GLY B 69 -28.56 19.04 -6.41
CA GLY B 69 -27.77 19.97 -7.20
C GLY B 69 -26.54 19.29 -7.75
N THR B 70 -25.39 19.92 -7.55
CA THR B 70 -24.12 19.41 -8.04
C THR B 70 -23.28 18.81 -6.91
N SER B 71 -23.93 18.43 -5.81
CA SER B 71 -23.24 17.84 -4.67
C SER B 71 -23.92 16.55 -4.27
N ALA B 72 -23.17 15.72 -3.54
CA ALA B 72 -23.68 14.47 -3.00
C ALA B 72 -23.04 14.24 -1.64
N THR B 73 -23.68 13.41 -0.83
CA THR B 73 -23.21 13.17 0.53
C THR B 73 -23.35 11.70 0.87
N LEU B 74 -22.31 11.14 1.48
CA LEU B 74 -22.36 9.81 2.08
C LEU B 74 -22.53 9.98 3.58
N GLY B 75 -23.40 9.18 4.17
CA GLY B 75 -23.63 9.20 5.61
C GLY B 75 -23.33 7.84 6.20
N ILE B 76 -22.64 7.83 7.34
CA ILE B 76 -22.40 6.62 8.10
C ILE B 76 -22.79 6.89 9.56
N THR B 77 -23.74 6.14 10.08
CA THR B 77 -24.12 6.20 11.49
C THR B 77 -23.57 4.98 12.22
N GLY B 78 -23.50 5.09 13.56
CA GLY B 78 -22.97 4.02 14.39
C GLY B 78 -21.61 3.53 13.93
N LEU B 79 -20.68 4.46 13.73
CA LEU B 79 -19.38 4.17 13.14
C LEU B 79 -18.66 3.06 13.89
N GLN B 80 -18.05 2.14 13.13
CA GLN B 80 -17.26 1.06 13.69
C GLN B 80 -15.81 1.16 13.20
N THR B 81 -14.90 0.55 13.99
CA THR B 81 -13.50 0.48 13.57
C THR B 81 -13.36 -0.17 12.20
N GLY B 82 -14.23 -1.14 11.88
CA GLY B 82 -14.23 -1.79 10.57
C GLY B 82 -14.61 -0.89 9.40
N ASP B 83 -15.13 0.31 9.66
CA ASP B 83 -15.45 1.28 8.62
C ASP B 83 -14.27 2.15 8.22
N GLU B 84 -13.12 1.99 8.86
CA GLU B 84 -11.92 2.74 8.50
C GLU B 84 -11.49 2.35 7.08
N ALA B 85 -11.47 3.34 6.18
CA ALA B 85 -11.27 3.05 4.76
C ALA B 85 -11.15 4.38 4.01
N ASP B 86 -10.79 4.27 2.73
CA ASP B 86 -10.85 5.39 1.79
C ASP B 86 -12.20 5.32 1.08
N TYR B 87 -12.90 6.44 1.01
CA TYR B 87 -14.23 6.48 0.39
C TYR B 87 -14.16 7.36 -0.85
N TYR B 88 -14.63 6.84 -1.98
CA TYR B 88 -14.61 7.55 -3.24
C TYR B 88 -16.04 7.75 -3.74
N CYS B 89 -16.36 8.99 -4.10
CA CYS B 89 -17.56 9.22 -4.89
C CYS B 89 -17.19 9.06 -6.37
N GLY B 90 -18.16 8.62 -7.15
CA GLY B 90 -17.95 8.44 -8.58
C GLY B 90 -19.25 8.72 -9.31
N THR B 91 -19.12 9.25 -10.52
CA THR B 91 -20.31 9.47 -11.35
C THR B 91 -19.87 9.44 -12.81
N TRP B 92 -20.81 9.72 -13.72
CA TRP B 92 -20.52 9.84 -15.14
C TRP B 92 -20.45 11.32 -15.49
N ASP B 93 -19.48 11.69 -16.31
CA ASP B 93 -19.44 13.02 -16.88
C ASP B 93 -19.95 12.94 -18.31
N SER B 94 -21.05 13.64 -18.57
CA SER B 94 -21.80 13.56 -19.83
C SER B 94 -21.20 14.39 -20.96
N SER B 95 -20.03 15.01 -20.76
CA SER B 95 -19.42 15.82 -21.81
C SER B 95 -19.11 14.99 -23.05
N LEU B 96 -18.95 15.69 -24.18
CA LEU B 96 -18.85 15.02 -25.49
C LEU B 96 -17.72 14.00 -25.51
N SER B 97 -16.62 14.32 -24.84
CA SER B 97 -15.59 13.33 -24.60
C SER B 97 -15.89 12.81 -23.20
N ALA B 98 -16.60 11.68 -23.15
CA ALA B 98 -17.26 11.25 -21.93
C ALA B 98 -16.31 10.40 -21.09
N TYR B 99 -16.55 10.39 -19.78
CA TYR B 99 -15.71 9.54 -18.95
C TYR B 99 -16.37 9.31 -17.60
N VAL B 100 -15.96 8.22 -16.96
CA VAL B 100 -16.21 8.07 -15.53
C VAL B 100 -15.28 9.01 -14.78
N VAL B 101 -15.83 9.69 -13.77
CA VAL B 101 -15.05 10.62 -12.96
C VAL B 101 -15.20 10.26 -11.49
N PHE B 102 -14.09 10.33 -10.75
CA PHE B 102 -14.06 10.06 -9.32
C PHE B 102 -13.71 11.32 -8.53
N GLY B 103 -14.10 11.34 -7.25
CA GLY B 103 -13.48 12.26 -6.33
C GLY B 103 -12.08 11.78 -5.97
N GLY B 104 -11.31 12.67 -5.33
CA GLY B 104 -9.97 12.28 -4.93
C GLY B 104 -9.91 11.33 -3.75
N GLY B 105 -11.05 11.04 -3.13
CA GLY B 105 -11.07 10.11 -2.02
C GLY B 105 -11.03 10.82 -0.67
N THR B 106 -11.77 10.28 0.30
CA THR B 106 -11.69 10.74 1.69
C THR B 106 -11.15 9.58 2.52
N LYS B 107 -10.00 9.80 3.13
CA LYS B 107 -9.46 8.85 4.11
C LYS B 107 -10.21 9.03 5.42
N LEU B 108 -11.02 8.04 5.79
CA LEU B 108 -11.73 8.04 7.07
C LEU B 108 -10.93 7.24 8.09
N THR B 109 -10.38 7.93 9.08
CA THR B 109 -9.68 7.30 10.20
C THR B 109 -10.65 7.16 11.35
N VAL B 110 -10.80 5.94 11.87
CA VAL B 110 -11.64 5.68 13.04
C VAL B 110 -10.70 5.45 14.23
N LEU B 111 -10.65 6.41 15.14
CA LEU B 111 -9.76 6.35 16.30
C LEU B 111 -10.48 5.54 17.37
N GLY B 112 -10.16 4.25 17.45
CA GLY B 112 -10.99 3.35 18.21
C GLY B 112 -10.22 2.32 18.99
N GLN B 113 -8.93 2.59 19.22
CA GLN B 113 -8.06 1.75 20.02
C GLN B 113 -7.39 2.62 21.09
N PRO B 114 -6.79 2.01 22.11
CA PRO B 114 -6.04 2.82 23.08
C PRO B 114 -4.79 3.45 22.47
N LYS B 115 -4.43 4.62 23.01
CA LYS B 115 -3.17 5.24 22.62
C LYS B 115 -2.01 4.33 23.00
N ALA B 116 -0.99 4.26 22.15
CA ALA B 116 0.15 3.39 22.46
C ALA B 116 1.41 4.04 21.91
N ALA B 117 2.39 4.24 22.78
CA ALA B 117 3.64 4.87 22.38
C ALA B 117 4.48 3.87 21.60
N PRO B 118 5.28 4.35 20.65
CA PRO B 118 6.08 3.43 19.82
C PRO B 118 7.19 2.76 20.61
N SER B 119 7.39 1.48 20.31
CA SER B 119 8.58 0.76 20.73
C SER B 119 9.62 0.90 19.62
N VAL B 120 10.81 1.38 19.96
CA VAL B 120 11.84 1.71 18.96
C VAL B 120 13.07 0.85 19.23
N THR B 121 13.59 0.19 18.18
CA THR B 121 14.88 -0.51 18.26
C THR B 121 15.76 -0.01 17.14
N LEU B 122 16.99 0.41 17.47
CA LEU B 122 17.93 0.95 16.51
C LEU B 122 19.12 0.01 16.40
N PHE B 123 19.37 -0.52 15.19
CA PHE B 123 20.50 -1.43 14.99
C PHE B 123 21.64 -0.70 14.31
N PRO B 124 22.88 -0.86 14.77
CA PRO B 124 24.02 -0.31 14.08
C PRO B 124 24.38 -1.19 12.88
N PRO B 125 25.28 -0.73 12.00
CA PRO B 125 25.69 -1.59 10.89
C PRO B 125 26.37 -2.85 11.39
N SER B 126 26.17 -3.95 10.69
CA SER B 126 26.86 -5.18 11.06
C SER B 126 28.29 -5.12 10.54
N SER B 127 29.19 -5.85 11.22
CA SER B 127 30.56 -5.90 10.71
C SER B 127 30.60 -6.53 9.33
N GLU B 128 29.67 -7.45 9.05
CA GLU B 128 29.57 -8.00 7.71
C GLU B 128 29.27 -6.91 6.68
N GLU B 129 28.37 -5.96 7.00
CA GLU B 129 28.06 -4.93 6.02
C GLU B 129 29.21 -3.94 5.90
N LEU B 130 29.86 -3.62 7.01
CA LEU B 130 31.03 -2.76 6.96
C LEU B 130 32.11 -3.37 6.07
N GLN B 131 32.29 -4.70 6.18
CA GLN B 131 33.26 -5.39 5.32
C GLN B 131 32.88 -5.28 3.84
N ALA B 132 31.58 -5.16 3.55
CA ALA B 132 31.10 -4.91 2.19
C ALA B 132 31.18 -3.44 1.79
N ASN B 133 31.84 -2.61 2.60
CA ASN B 133 32.04 -1.19 2.33
C ASN B 133 30.72 -0.41 2.30
N LYS B 134 29.78 -0.79 3.16
CA LYS B 134 28.52 -0.07 3.28
C LYS B 134 28.14 0.05 4.74
N ALA B 135 27.19 0.92 5.04
CA ALA B 135 26.76 1.07 6.42
C ALA B 135 25.31 1.51 6.42
N THR B 136 24.47 0.77 7.15
CA THR B 136 23.03 1.05 7.25
C THR B 136 22.64 1.02 8.72
N LEU B 137 22.00 2.09 9.19
CA LEU B 137 21.35 2.12 10.49
C LEU B 137 19.87 1.80 10.29
N VAL B 138 19.32 0.93 11.13
CA VAL B 138 17.99 0.37 10.93
C VAL B 138 17.18 0.72 12.16
N CYS B 139 16.17 1.58 11.99
CA CYS B 139 15.31 2.02 13.08
C CYS B 139 13.95 1.37 12.92
N LEU B 140 13.61 0.44 13.81
CA LEU B 140 12.36 -0.29 13.71
C LEU B 140 11.38 0.20 14.76
N ILE B 141 10.17 0.54 14.32
CA ILE B 141 9.18 1.27 15.12
C ILE B 141 7.90 0.45 15.12
N SER B 142 7.43 0.03 16.29
CA SER B 142 6.29 -0.86 16.32
C SER B 142 5.36 -0.54 17.48
N ASP B 143 4.17 -1.15 17.43
CA ASP B 143 3.19 -1.11 18.51
C ASP B 143 2.76 0.31 18.88
N PHE B 144 2.59 1.18 17.88
CA PHE B 144 2.07 2.51 18.17
C PHE B 144 0.65 2.72 17.65
N TYR B 145 -0.09 3.62 18.31
CA TYR B 145 -1.49 3.93 17.95
C TYR B 145 -1.80 5.32 18.48
N PRO B 146 -2.40 6.22 17.67
CA PRO B 146 -2.80 6.04 16.26
C PRO B 146 -1.61 5.86 15.30
N GLY B 147 -1.92 5.56 14.04
CA GLY B 147 -0.90 5.10 13.10
C GLY B 147 -0.21 6.21 12.34
N ALA B 148 0.48 7.09 13.05
CA ALA B 148 1.27 8.12 12.39
C ALA B 148 2.46 8.48 13.27
N VAL B 149 3.65 8.54 12.68
CA VAL B 149 4.86 9.00 13.36
C VAL B 149 5.64 9.87 12.38
N THR B 150 6.53 10.68 12.94
CA THR B 150 7.55 11.34 12.14
C THR B 150 8.91 10.92 12.69
N VAL B 151 9.89 10.78 11.80
CA VAL B 151 11.22 10.31 12.17
C VAL B 151 12.24 11.37 11.80
N ALA B 152 13.19 11.58 12.70
CA ALA B 152 14.31 12.46 12.42
C ALA B 152 15.59 11.77 12.87
N TRP B 153 16.65 11.98 12.10
CA TRP B 153 17.95 11.40 12.40
C TRP B 153 18.95 12.48 12.80
N LYS B 154 19.88 12.12 13.68
CA LYS B 154 20.93 13.01 14.15
C LYS B 154 22.28 12.32 14.01
N ALA B 155 23.23 12.99 13.34
CA ALA B 155 24.64 12.63 13.43
C ALA B 155 25.24 13.43 14.57
N ASP B 156 25.66 12.72 15.63
CA ASP B 156 26.00 13.35 16.91
C ASP B 156 24.80 14.15 17.41
N SER B 157 24.85 15.47 17.25
CA SER B 157 23.77 16.34 17.66
C SER B 157 23.09 17.08 16.52
N SER B 158 23.60 16.95 15.25
CA SER B 158 23.02 17.71 14.14
C SER B 158 22.04 16.86 13.34
N PRO B 159 21.00 17.48 12.80
CA PRO B 159 20.09 16.75 11.91
C PRO B 159 20.80 16.29 10.64
N VAL B 160 20.45 15.08 10.22
CA VAL B 160 20.86 14.52 8.93
C VAL B 160 19.60 14.17 8.16
N LYS B 161 19.50 14.66 6.93
CA LYS B 161 18.37 14.32 6.07
C LYS B 161 18.74 13.56 4.81
N ALA B 162 19.98 13.64 4.34
CA ALA B 162 20.39 12.86 3.19
C ALA B 162 20.56 11.39 3.57
N GLY B 163 20.19 10.50 2.66
CA GLY B 163 20.30 9.08 2.91
C GLY B 163 19.25 8.51 3.84
N VAL B 164 18.15 9.23 4.06
CA VAL B 164 17.07 8.77 4.95
C VAL B 164 15.96 8.20 4.09
N GLU B 165 15.45 7.03 4.48
CA GLU B 165 14.28 6.44 3.83
C GLU B 165 13.36 5.91 4.91
N THR B 166 12.10 6.34 4.88
CA THR B 166 11.13 5.98 5.92
C THR B 166 9.88 5.44 5.27
N THR B 167 9.37 4.32 5.80
CA THR B 167 8.17 3.73 5.26
C THR B 167 6.93 4.45 5.78
N THR B 168 5.83 4.28 5.07
CA THR B 168 4.53 4.61 5.63
C THR B 168 4.22 3.65 6.77
N PRO B 169 3.37 4.03 7.71
CA PRO B 169 2.97 3.10 8.76
C PRO B 169 2.09 1.99 8.19
N SER B 170 2.21 0.81 8.77
CA SER B 170 1.43 -0.32 8.31
C SER B 170 0.79 -0.98 9.51
N LYS B 171 -0.45 -1.44 9.33
CA LYS B 171 -1.18 -2.01 10.45
C LYS B 171 -0.63 -3.39 10.80
N GLN B 172 -0.41 -3.63 12.10
CA GLN B 172 0.02 -4.92 12.60
C GLN B 172 -1.18 -5.82 12.90
N SER B 173 -0.88 -7.10 13.15
CA SER B 173 -1.92 -8.07 13.49
C SER B 173 -2.71 -7.63 14.72
N ASN B 174 -2.03 -7.06 15.72
CA ASN B 174 -2.65 -6.61 16.96
C ASN B 174 -3.37 -5.27 16.81
N ASN B 175 -3.52 -4.76 15.59
CA ASN B 175 -4.20 -3.51 15.25
C ASN B 175 -3.44 -2.27 15.70
N LYS B 176 -2.21 -2.41 16.18
CA LYS B 176 -1.32 -1.26 16.27
C LYS B 176 -0.53 -1.14 14.96
N TYR B 177 0.34 -0.14 14.89
CA TYR B 177 1.05 0.17 13.66
C TYR B 177 2.56 0.00 13.82
N ALA B 178 3.21 -0.14 12.68
CA ALA B 178 4.64 -0.35 12.58
C ALA B 178 5.18 0.54 11.46
N ALA B 179 6.45 0.96 11.60
CA ALA B 179 7.14 1.66 10.52
C ALA B 179 8.63 1.39 10.66
N SER B 180 9.38 1.73 9.60
CA SER B 180 10.84 1.56 9.54
C SER B 180 11.48 2.83 9.03
N SER B 181 12.68 3.11 9.50
CA SER B 181 13.48 4.18 8.90
C SER B 181 14.91 3.69 8.76
N TYR B 182 15.56 4.08 7.66
CA TYR B 182 16.91 3.64 7.35
C TYR B 182 17.78 4.86 7.10
N LEU B 183 18.98 4.86 7.67
CA LEU B 183 19.99 5.87 7.41
C LEU B 183 21.18 5.21 6.72
N SER B 184 21.43 5.61 5.49
CA SER B 184 22.52 5.05 4.68
C SER B 184 23.74 5.95 4.84
N LEU B 185 24.86 5.37 5.28
CA LEU B 185 26.11 6.07 5.48
C LEU B 185 27.24 5.29 4.81
N THR B 186 28.37 5.97 4.59
CA THR B 186 29.61 5.27 4.29
C THR B 186 30.25 4.78 5.58
N PRO B 187 31.09 3.73 5.52
CA PRO B 187 31.79 3.31 6.75
C PRO B 187 32.62 4.43 7.38
N GLU B 188 33.11 5.39 6.57
CA GLU B 188 33.88 6.49 7.13
C GLU B 188 33.01 7.42 7.95
N GLN B 189 31.86 7.83 7.39
CA GLN B 189 30.91 8.64 8.15
C GLN B 189 30.52 7.96 9.45
N TRP B 190 30.23 6.66 9.40
CA TRP B 190 29.84 5.93 10.59
C TRP B 190 30.92 6.00 11.67
N LYS B 191 32.18 5.76 11.29
CA LYS B 191 33.25 5.74 12.28
C LYS B 191 33.67 7.14 12.73
N SER B 192 33.44 8.17 11.92
CA SER B 192 33.99 9.48 12.24
C SER B 192 33.14 10.28 13.22
N HIS B 193 31.86 9.93 13.41
CA HIS B 193 31.01 10.65 14.35
C HIS B 193 30.96 9.94 15.70
N ARG B 194 30.63 10.69 16.75
CA ARG B 194 30.55 10.08 18.08
C ARG B 194 29.36 9.14 18.17
N SER B 195 28.23 9.47 17.55
CA SER B 195 27.04 8.64 17.66
C SER B 195 26.02 9.08 16.61
N TYR B 196 25.02 8.23 16.40
CA TYR B 196 23.90 8.54 15.54
C TYR B 196 22.62 8.23 16.28
N SER B 197 21.56 8.97 15.95
CA SER B 197 20.32 8.89 16.70
C SER B 197 19.11 8.83 15.77
N CYS B 198 18.14 7.99 16.15
CA CYS B 198 16.82 7.91 15.52
C CYS B 198 15.81 8.46 16.52
N GLN B 199 15.09 9.52 16.11
CA GLN B 199 14.09 10.18 16.97
C GLN B 199 12.71 10.02 16.38
N VAL B 200 11.83 9.34 17.11
CA VAL B 200 10.48 9.02 16.65
C VAL B 200 9.50 9.88 17.44
N THR B 201 8.73 10.71 16.75
CA THR B 201 7.72 11.55 17.40
C THR B 201 6.34 10.97 17.12
N HIS B 202 5.55 10.83 18.18
CA HIS B 202 4.22 10.23 18.11
C HIS B 202 3.29 11.01 19.03
N GLU B 203 2.21 11.56 18.45
CA GLU B 203 1.28 12.41 19.19
C GLU B 203 2.04 13.43 20.05
N GLY B 204 3.06 14.04 19.47
CA GLY B 204 3.83 15.08 20.13
C GLY B 204 4.81 14.63 21.19
N SER B 205 4.94 13.33 21.43
CA SER B 205 5.93 12.81 22.38
C SER B 205 7.03 12.12 21.59
N THR B 206 8.27 12.31 22.02
CA THR B 206 9.45 11.83 21.27
C THR B 206 10.13 10.71 22.03
N VAL B 207 10.41 9.61 21.32
CA VAL B 207 11.21 8.51 21.82
C VAL B 207 12.47 8.43 20.97
N GLU B 208 13.62 8.24 21.60
CA GLU B 208 14.88 8.31 20.87
C GLU B 208 15.76 7.12 21.23
N LYS B 209 16.47 6.62 20.23
CA LYS B 209 17.48 5.59 20.41
C LYS B 209 18.78 6.06 19.76
N THR B 210 19.90 5.64 20.33
CA THR B 210 21.22 6.07 19.88
C THR B 210 22.15 4.87 19.80
N VAL B 211 23.05 4.88 18.80
CA VAL B 211 24.09 3.88 18.66
C VAL B 211 25.41 4.60 18.36
N ALA B 212 26.52 3.89 18.57
CA ALA B 212 27.85 4.44 18.36
C ALA B 212 28.80 3.37 17.81
N PRO B 213 29.76 3.77 16.99
CA PRO B 213 30.78 2.83 16.49
C PRO B 213 31.39 1.99 17.60
N THR B 214 31.60 0.70 17.31
CA THR B 214 31.74 -0.40 18.30
C THR B 214 31.83 0.05 19.75
S SO4 C . -23.91 -12.86 -14.93
O1 SO4 C . -22.51 -12.82 -15.35
O2 SO4 C . -24.28 -14.26 -14.70
O3 SO4 C . -24.08 -12.08 -13.69
O4 SO4 C . -24.79 -12.29 -15.96
#